data_3D0K
#
_entry.id   3D0K
#
_cell.length_a   41.879
_cell.length_b   83.710
_cell.length_c   90.792
_cell.angle_alpha   90.00
_cell.angle_beta   92.68
_cell.angle_gamma   90.00
#
_symmetry.space_group_name_H-M   'P 1 21 1'
#
loop_
_entity.id
_entity.type
_entity.pdbx_description
1 polymer 'Putative poly(3-hydroxybutyrate) depolymerase LpqC'
2 non-polymer 'CHLORIDE ION'
3 non-polymer 'SULFATE ION'
4 non-polymer 'FORMIC ACID'
5 water water
#
_entity_poly.entity_id   1
_entity_poly.type   'polypeptide(L)'
_entity_poly.pdbx_seq_one_letter_code
;SNA(MSE)KPADLTNADRIALELGHAGRNAIPYLDDDRNADRPFTLNTYRPYGYTPDRPVVVVQHGVLRNGADYRDFWIP
AADRHKLLIVAPTFSDEIWPGVESYNNGRAFTAAGNPRHVDGWTYALVARVLANIRAAEIADCEQVYLFGHSAGGQFVHR
L(MSE)SSQPHAPFHAVTAANPGWYTLPTFEHRFPEGLDGVGLTEDHLARLLAYP(MSE)TILAGDQDIATDDPNLPSEP
AALRQGPHRYARARHYYEAGQRAAAQRGLPFGWQLQVVPGIGHDGQA(MSE)SQVCASLWFDGR(MSE)PDAAELARLAG
SQSA
;
_entity_poly.pdbx_strand_id   A,B
#
loop_
_chem_comp.id
_chem_comp.type
_chem_comp.name
_chem_comp.formula
CL non-polymer 'CHLORIDE ION' 'Cl -1'
FMT non-polymer 'FORMIC ACID' 'C H2 O2'
SO4 non-polymer 'SULFATE ION' 'O4 S -2'
#
# COMPACT_ATOMS: atom_id res chain seq x y z
N ASP A 8 7.98 2.09 -48.50
CA ASP A 8 6.61 2.68 -48.45
C ASP A 8 5.50 1.86 -47.75
N LEU A 9 5.56 0.52 -47.72
CA LEU A 9 4.55 -0.27 -46.95
C LEU A 9 4.71 -0.15 -45.43
N THR A 10 3.59 0.00 -44.74
CA THR A 10 3.63 0.04 -43.29
C THR A 10 3.26 -1.37 -42.79
N ASN A 11 3.47 -1.59 -41.50
CA ASN A 11 3.02 -2.83 -40.83
C ASN A 11 1.52 -3.05 -41.00
N ALA A 12 0.74 -1.96 -40.96
CA ALA A 12 -0.72 -2.09 -41.17
C ALA A 12 -1.00 -2.58 -42.60
N ASP A 13 -0.31 -2.01 -43.60
CA ASP A 13 -0.47 -2.45 -45.01
C ASP A 13 -0.13 -3.92 -45.17
N ARG A 14 1.00 -4.33 -44.60
CA ARG A 14 1.39 -5.76 -44.60
C ARG A 14 0.34 -6.67 -44.01
N ILE A 15 -0.19 -6.25 -42.87
CA ILE A 15 -1.19 -7.06 -42.16
C ILE A 15 -2.46 -7.14 -43.01
N ALA A 16 -2.83 -6.04 -43.68
CA ALA A 16 -4.00 -6.03 -44.55
C ALA A 16 -3.88 -7.06 -45.68
N LEU A 17 -2.67 -7.24 -46.19
CA LEU A 17 -2.42 -8.16 -47.31
C LEU A 17 -2.31 -9.62 -46.87
N GLU A 18 -1.89 -9.83 -45.62
CA GLU A 18 -1.59 -11.19 -45.13
C GLU A 18 -2.74 -11.80 -44.34
N LEU A 19 -3.58 -10.96 -43.75
CA LEU A 19 -4.59 -11.46 -42.82
C LEU A 19 -6.00 -11.27 -43.42
N GLY A 20 -6.05 -10.88 -44.69
CA GLY A 20 -7.33 -10.61 -45.36
C GLY A 20 -8.09 -11.88 -45.68
N HIS A 21 -7.37 -12.98 -45.88
N HIS A 21 -7.38 -12.99 -45.83
CA HIS A 21 -7.97 -14.25 -46.28
CA HIS A 21 -8.03 -14.22 -46.27
C HIS A 21 -7.92 -15.30 -45.19
C HIS A 21 -7.87 -15.35 -45.26
N ALA A 22 -8.81 -16.28 -45.28
CA ALA A 22 -8.86 -17.37 -44.31
C ALA A 22 -7.66 -18.29 -44.38
N GLY A 23 -7.32 -18.88 -43.23
CA GLY A 23 -6.31 -19.96 -43.13
C GLY A 23 -5.21 -19.61 -42.14
N ARG A 24 -4.15 -20.42 -42.13
CA ARG A 24 -3.03 -20.17 -41.22
C ARG A 24 -2.04 -19.30 -41.93
N ASN A 25 -1.31 -18.50 -41.16
CA ASN A 25 -0.23 -17.72 -41.75
C ASN A 25 0.89 -17.53 -40.75
N ALA A 26 2.08 -17.21 -41.24
CA ALA A 26 3.20 -16.79 -40.38
C ALA A 26 3.71 -15.46 -40.94
N ILE A 27 3.42 -14.37 -40.24
CA ILE A 27 3.63 -13.01 -40.77
C ILE A 27 4.86 -12.42 -40.08
N PRO A 28 5.99 -12.23 -40.82
CA PRO A 28 7.15 -11.55 -40.20
C PRO A 28 6.74 -10.14 -39.75
N TYR A 29 7.16 -9.69 -38.56
CA TYR A 29 6.78 -8.35 -38.08
C TYR A 29 8.00 -7.70 -37.47
N LEU A 30 8.18 -6.43 -37.78
CA LEU A 30 9.25 -5.65 -37.17
C LEU A 30 8.66 -4.37 -36.66
N ASP A 31 8.77 -4.13 -35.36
CA ASP A 31 8.15 -2.95 -34.76
C ASP A 31 8.70 -1.58 -35.24
N ASN A 35 11.97 -1.50 -30.48
CA ASN A 35 12.46 -2.83 -30.87
C ASN A 35 12.82 -2.93 -32.36
N ALA A 36 13.57 -1.94 -32.83
CA ALA A 36 13.96 -1.84 -34.25
C ALA A 36 14.75 -3.04 -34.76
N ASP A 37 15.56 -3.65 -33.89
CA ASP A 37 16.48 -4.72 -34.28
C ASP A 37 16.03 -6.13 -33.96
N ARG A 38 14.75 -6.31 -33.62
CA ARG A 38 14.31 -7.58 -33.12
C ARG A 38 13.01 -7.95 -33.79
N PRO A 39 13.09 -8.61 -34.95
CA PRO A 39 11.88 -9.12 -35.59
C PRO A 39 11.21 -10.25 -34.81
N PHE A 40 9.92 -10.41 -35.06
CA PHE A 40 9.25 -11.61 -34.58
C PHE A 40 8.18 -12.00 -35.59
N THR A 41 7.36 -12.97 -35.23
CA THR A 41 6.43 -13.56 -36.19
C THR A 41 5.04 -13.57 -35.58
N LEU A 42 4.05 -13.24 -36.39
CA LEU A 42 2.65 -13.44 -35.98
C LEU A 42 2.21 -14.73 -36.65
N ASN A 43 2.06 -15.77 -35.83
CA ASN A 43 1.47 -17.01 -36.34
C ASN A 43 -0.02 -16.85 -36.13
N THR A 44 -0.74 -16.77 -37.25
CA THR A 44 -2.13 -16.35 -37.20
C THR A 44 -3.07 -17.45 -37.71
N TYR A 45 -4.34 -17.35 -37.31
CA TYR A 45 -5.38 -18.13 -37.97
C TYR A 45 -6.61 -17.29 -38.15
N ARG A 46 -7.12 -17.29 -39.37
CA ARG A 46 -8.36 -16.64 -39.65
C ARG A 46 -9.37 -17.66 -40.18
N PRO A 47 -10.50 -17.85 -39.47
CA PRO A 47 -11.51 -18.84 -39.94
C PRO A 47 -12.30 -18.31 -41.12
N TYR A 48 -12.90 -19.21 -41.90
CA TYR A 48 -13.91 -18.75 -42.85
C TYR A 48 -15.04 -18.11 -42.06
N GLY A 49 -15.54 -16.98 -42.56
CA GLY A 49 -16.65 -16.35 -41.93
C GLY A 49 -16.24 -15.34 -40.89
N TYR A 50 -14.94 -15.12 -40.70
CA TYR A 50 -14.45 -14.04 -39.85
C TYR A 50 -14.89 -12.70 -40.44
N THR A 51 -15.47 -11.84 -39.62
CA THR A 51 -15.81 -10.47 -40.02
C THR A 51 -15.16 -9.56 -38.93
N PRO A 52 -14.87 -8.30 -39.27
CA PRO A 52 -14.09 -7.42 -38.36
C PRO A 52 -14.71 -7.13 -37.00
N ASP A 53 -15.99 -7.39 -36.82
CA ASP A 53 -16.65 -7.17 -35.50
C ASP A 53 -16.41 -8.31 -34.52
N ARG A 54 -15.83 -9.41 -35.00
CA ARG A 54 -15.72 -10.60 -34.16
C ARG A 54 -14.48 -10.54 -33.30
N PRO A 55 -14.44 -11.31 -32.19
CA PRO A 55 -13.28 -11.19 -31.30
C PRO A 55 -11.87 -11.55 -31.90
N VAL A 56 -10.83 -10.96 -31.32
CA VAL A 56 -9.45 -11.30 -31.64
C VAL A 56 -8.88 -11.91 -30.41
N VAL A 57 -8.28 -13.09 -30.54
CA VAL A 57 -7.63 -13.71 -29.38
C VAL A 57 -6.10 -13.67 -29.59
N VAL A 58 -5.38 -13.04 -28.67
CA VAL A 58 -3.91 -12.99 -28.73
C VAL A 58 -3.47 -14.21 -27.87
N VAL A 59 -2.65 -15.09 -28.42
CA VAL A 59 -2.25 -16.31 -27.69
C VAL A 59 -0.75 -16.28 -27.48
N GLN A 60 -0.27 -16.38 -26.24
CA GLN A 60 1.18 -16.40 -26.00
C GLN A 60 1.72 -17.78 -25.62
N HIS A 61 2.71 -18.24 -26.38
CA HIS A 61 3.31 -19.60 -26.29
C HIS A 61 4.07 -19.77 -24.98
N GLY A 62 4.40 -21.00 -24.61
CA GLY A 62 5.26 -21.15 -23.43
C GLY A 62 6.74 -21.15 -23.81
N VAL A 63 7.51 -21.94 -23.06
CA VAL A 63 8.97 -21.90 -23.06
C VAL A 63 9.58 -22.40 -24.38
N LEU A 64 8.86 -23.34 -25.03
CA LEU A 64 9.31 -23.90 -26.32
C LEU A 64 9.29 -22.89 -27.48
N ARG A 65 8.63 -21.75 -27.26
CA ARG A 65 8.50 -20.71 -28.29
C ARG A 65 7.76 -21.23 -29.54
N ASN A 66 6.85 -22.17 -29.31
CA ASN A 66 6.11 -22.83 -30.38
C ASN A 66 4.79 -22.10 -30.68
N GLY A 67 4.90 -20.85 -31.14
CA GLY A 67 3.71 -20.09 -31.46
C GLY A 67 2.81 -20.75 -32.50
N ALA A 68 3.41 -21.42 -33.49
CA ALA A 68 2.62 -22.06 -34.54
C ALA A 68 1.75 -23.16 -33.94
N ASP A 69 2.33 -23.92 -33.02
CA ASP A 69 1.59 -24.91 -32.28
C ASP A 69 0.44 -24.30 -31.48
N TYR A 70 0.74 -23.25 -30.72
CA TYR A 70 -0.33 -22.59 -29.93
C TYR A 70 -1.48 -22.03 -30.80
N ARG A 71 -1.10 -21.49 -31.94
CA ARG A 71 -2.10 -20.99 -32.91
C ARG A 71 -2.99 -22.19 -33.35
N ASP A 72 -2.36 -23.34 -33.59
CA ASP A 72 -3.11 -24.56 -34.01
C ASP A 72 -4.09 -25.01 -32.92
N PHE A 73 -3.68 -24.92 -31.66
CA PHE A 73 -4.56 -25.35 -30.55
C PHE A 73 -5.89 -24.60 -30.55
N TRP A 74 -5.89 -23.35 -31.02
CA TRP A 74 -7.07 -22.50 -31.03
C TRP A 74 -7.95 -22.58 -32.30
N ILE A 75 -7.51 -23.34 -33.29
CA ILE A 75 -8.31 -23.48 -34.53
C ILE A 75 -9.78 -23.96 -34.33
N PRO A 76 -9.99 -25.06 -33.60
CA PRO A 76 -11.39 -25.48 -33.46
C PRO A 76 -12.30 -24.43 -32.81
N ALA A 77 -11.82 -23.76 -31.76
CA ALA A 77 -12.59 -22.67 -31.15
C ALA A 77 -12.79 -21.48 -32.15
N ALA A 78 -11.76 -21.18 -32.96
CA ALA A 78 -11.84 -20.07 -33.94
C ALA A 78 -12.86 -20.41 -34.99
N ASP A 79 -12.89 -21.67 -35.41
CA ASP A 79 -13.86 -22.09 -36.45
C ASP A 79 -15.30 -22.01 -35.91
N ARG A 80 -15.49 -22.43 -34.67
CA ARG A 80 -16.84 -22.45 -34.03
C ARG A 80 -17.34 -21.01 -33.73
N HIS A 81 -16.47 -20.21 -33.14
CA HIS A 81 -16.85 -18.90 -32.68
C HIS A 81 -16.48 -17.74 -33.59
N LYS A 82 -15.78 -18.04 -34.71
CA LYS A 82 -15.32 -16.99 -35.67
C LYS A 82 -14.38 -15.99 -34.96
N LEU A 83 -13.27 -16.51 -34.45
CA LEU A 83 -12.29 -15.69 -33.76
C LEU A 83 -11.10 -15.54 -34.66
N LEU A 84 -10.46 -14.35 -34.63
CA LEU A 84 -9.17 -14.19 -35.29
C LEU A 84 -8.05 -14.54 -34.29
N ILE A 85 -7.24 -15.53 -34.60
CA ILE A 85 -6.17 -15.95 -33.68
C ILE A 85 -4.83 -15.34 -34.05
N VAL A 86 -4.17 -14.67 -33.10
CA VAL A 86 -2.86 -14.07 -33.36
C VAL A 86 -1.93 -14.53 -32.26
N ALA A 87 -0.87 -15.23 -32.67
CA ALA A 87 0.13 -15.72 -31.74
C ALA A 87 1.49 -15.03 -31.99
N PRO A 88 1.75 -13.91 -31.28
CA PRO A 88 3.05 -13.25 -31.39
C PRO A 88 4.10 -14.23 -30.89
N THR A 89 5.09 -14.52 -31.74
CA THR A 89 6.02 -15.62 -31.54
C THR A 89 7.46 -15.12 -31.46
N PHE A 90 8.12 -15.42 -30.33
CA PHE A 90 9.46 -14.82 -30.03
C PHE A 90 10.46 -15.96 -29.98
N SER A 91 11.27 -16.06 -31.04
CA SER A 91 12.13 -17.19 -31.20
C SER A 91 13.26 -17.17 -30.17
N ASP A 92 13.77 -18.34 -29.83
CA ASP A 92 14.92 -18.44 -28.94
C ASP A 92 16.14 -17.74 -29.53
N GLU A 93 16.24 -17.75 -30.87
CA GLU A 93 17.38 -17.16 -31.52
C GLU A 93 17.42 -15.63 -31.40
N ILE A 94 16.28 -14.97 -31.56
CA ILE A 94 16.25 -13.50 -31.53
C ILE A 94 15.85 -12.92 -30.15
N TRP A 95 15.12 -13.72 -29.37
CA TRP A 95 14.66 -13.30 -28.04
C TRP A 95 15.11 -14.33 -26.99
N PRO A 96 16.42 -14.43 -26.77
CA PRO A 96 16.93 -15.55 -25.96
C PRO A 96 16.60 -15.45 -24.45
N GLY A 97 16.30 -16.61 -23.85
CA GLY A 97 16.17 -16.72 -22.40
C GLY A 97 14.87 -16.16 -21.84
N VAL A 98 14.60 -16.48 -20.58
CA VAL A 98 13.51 -15.85 -19.85
C VAL A 98 13.68 -14.31 -19.81
N GLU A 99 14.92 -13.80 -19.91
CA GLU A 99 15.14 -12.35 -19.85
C GLU A 99 14.40 -11.61 -20.97
N SER A 100 14.33 -12.20 -22.17
CA SER A 100 13.80 -11.49 -23.32
C SER A 100 12.33 -11.73 -23.51
N TYR A 101 11.86 -12.91 -23.10
CA TYR A 101 10.47 -13.24 -23.35
C TYR A 101 9.65 -13.13 -22.04
N ASN A 102 9.72 -14.16 -21.18
CA ASN A 102 9.07 -14.12 -19.85
C ASN A 102 9.15 -12.75 -19.12
N ASN A 103 10.36 -12.19 -19.05
CA ASN A 103 10.66 -10.97 -18.27
C ASN A 103 10.61 -9.67 -19.08
N GLY A 104 10.24 -9.78 -20.36
CA GLY A 104 9.89 -8.56 -21.14
C GLY A 104 11.07 -7.65 -21.55
N ARG A 105 12.29 -8.16 -21.47
CA ARG A 105 13.50 -7.30 -21.72
C ARG A 105 13.41 -5.98 -20.89
N ALA A 106 13.06 -6.11 -19.61
CA ALA A 106 12.80 -4.96 -18.74
C ALA A 106 14.08 -4.17 -18.44
N PHE A 107 15.23 -4.82 -18.57
CA PHE A 107 16.49 -4.19 -18.19
C PHE A 107 17.39 -4.03 -19.37
N THR A 108 18.19 -2.97 -19.35
CA THR A 108 19.28 -2.84 -20.29
C THR A 108 20.34 -3.82 -19.85
N ALA A 109 21.39 -3.96 -20.66
CA ALA A 109 22.47 -4.85 -20.33
C ALA A 109 23.21 -4.45 -19.03
N ALA A 110 23.27 -3.15 -18.76
CA ALA A 110 23.87 -2.62 -17.55
C ALA A 110 22.99 -2.78 -16.29
N GLY A 111 21.78 -3.33 -16.46
CA GLY A 111 20.84 -3.53 -15.34
C GLY A 111 19.99 -2.32 -15.00
N ASN A 112 19.90 -1.34 -15.89
CA ASN A 112 19.04 -0.19 -15.64
C ASN A 112 17.69 -0.40 -16.31
N PRO A 113 16.64 0.19 -15.71
CA PRO A 113 15.34 -0.06 -16.34
C PRO A 113 15.19 0.57 -17.73
N ARG A 114 14.64 -0.19 -18.67
CA ARG A 114 14.19 0.36 -19.97
C ARG A 114 12.78 0.94 -19.75
N HIS A 115 12.39 1.93 -20.58
CA HIS A 115 11.04 2.46 -20.46
C HIS A 115 10.02 1.37 -20.80
N VAL A 116 8.89 1.38 -20.10
CA VAL A 116 7.91 0.28 -20.26
C VAL A 116 7.37 0.16 -21.68
N ASP A 117 7.41 1.22 -22.50
CA ASP A 117 6.90 0.97 -23.83
C ASP A 117 7.91 0.29 -24.73
N GLY A 118 9.11 0.07 -24.21
CA GLY A 118 10.13 -0.68 -24.93
C GLY A 118 10.15 -2.16 -24.55
N TRP A 119 9.36 -2.53 -23.55
CA TRP A 119 9.38 -3.93 -23.10
C TRP A 119 8.70 -4.81 -24.13
N THR A 120 9.07 -6.10 -24.15
CA THR A 120 8.51 -7.08 -25.10
C THR A 120 6.97 -7.05 -24.99
N TYR A 121 6.44 -6.85 -23.77
CA TYR A 121 4.98 -6.88 -23.54
C TYR A 121 4.25 -5.83 -24.37
N ALA A 122 4.88 -4.67 -24.56
CA ALA A 122 4.26 -3.50 -25.22
C ALA A 122 3.98 -3.73 -26.72
N LEU A 123 4.64 -4.72 -27.28
CA LEU A 123 4.47 -5.12 -28.67
C LEU A 123 3.06 -5.64 -28.93
N VAL A 124 2.42 -6.27 -27.93
CA VAL A 124 1.03 -6.78 -28.14
C VAL A 124 0.07 -5.66 -28.58
N ALA A 125 -0.02 -4.60 -27.78
CA ALA A 125 -0.85 -3.47 -28.16
C ALA A 125 -0.50 -2.84 -29.53
N ARG A 126 0.79 -2.79 -29.85
N ARG A 126 0.79 -2.79 -29.86
CA ARG A 126 1.20 -2.19 -31.14
CA ARG A 126 1.20 -2.18 -31.14
C ARG A 126 0.70 -3.03 -32.32
C ARG A 126 0.75 -3.02 -32.33
N VAL A 127 0.83 -4.34 -32.18
CA VAL A 127 0.35 -5.24 -33.21
C VAL A 127 -1.16 -5.06 -33.36
N LEU A 128 -1.87 -4.99 -32.21
CA LEU A 128 -3.35 -4.75 -32.25
C LEU A 128 -3.69 -3.46 -32.99
N ALA A 129 -2.92 -2.40 -32.74
CA ALA A 129 -3.24 -1.09 -33.37
C ALA A 129 -3.07 -1.21 -34.91
N ASN A 130 -2.10 -2.03 -35.32
CA ASN A 130 -1.88 -2.30 -36.70
C ASN A 130 -2.93 -3.16 -37.39
N ILE A 131 -3.47 -4.13 -36.65
CA ILE A 131 -4.61 -4.96 -37.10
C ILE A 131 -5.81 -4.06 -37.33
N ARG A 132 -6.01 -3.15 -36.37
CA ARG A 132 -7.07 -2.14 -36.53
C ARG A 132 -6.86 -1.11 -37.67
N ALA A 133 -5.64 -0.60 -37.84
CA ALA A 133 -5.35 0.29 -38.96
C ALA A 133 -5.47 -0.46 -40.27
N ALA A 134 -5.24 -1.78 -40.27
CA ALA A 134 -5.37 -2.59 -41.50
C ALA A 134 -6.83 -2.82 -41.84
N GLU A 135 -7.72 -2.50 -40.89
CA GLU A 135 -9.19 -2.69 -41.00
C GLU A 135 -9.51 -4.19 -41.05
N ILE A 136 -8.63 -5.01 -40.46
CA ILE A 136 -8.83 -6.45 -40.42
C ILE A 136 -9.83 -6.76 -39.29
N ALA A 137 -9.70 -6.05 -38.17
CA ALA A 137 -10.58 -6.27 -37.04
C ALA A 137 -10.75 -4.97 -36.31
N ASP A 138 -11.93 -4.72 -35.74
CA ASP A 138 -12.00 -3.46 -35.01
C ASP A 138 -11.40 -3.49 -33.61
N CYS A 139 -11.07 -4.70 -33.11
CA CYS A 139 -10.35 -4.85 -31.84
C CYS A 139 -11.09 -4.21 -30.64
N GLU A 140 -12.41 -4.25 -30.69
CA GLU A 140 -13.28 -3.86 -29.59
C GLU A 140 -13.21 -4.92 -28.52
N GLN A 141 -13.26 -6.19 -28.91
CA GLN A 141 -13.15 -7.26 -27.91
C GLN A 141 -11.92 -8.11 -28.16
N VAL A 142 -10.85 -7.82 -27.43
CA VAL A 142 -9.64 -8.55 -27.60
C VAL A 142 -9.44 -9.39 -26.35
N TYR A 143 -9.11 -10.65 -26.54
CA TYR A 143 -8.88 -11.59 -25.45
C TYR A 143 -7.39 -11.97 -25.44
N LEU A 144 -6.73 -11.94 -24.27
CA LEU A 144 -5.31 -12.21 -24.22
C LEU A 144 -5.13 -13.47 -23.33
N PHE A 145 -4.51 -14.50 -23.90
CA PHE A 145 -4.27 -15.78 -23.21
C PHE A 145 -2.80 -16.11 -23.26
N GLY A 146 -2.23 -16.69 -22.18
CA GLY A 146 -0.85 -17.11 -22.24
C GLY A 146 -0.76 -18.37 -21.38
N HIS A 147 0.03 -19.35 -21.81
CA HIS A 147 0.27 -20.53 -20.98
C HIS A 147 1.75 -20.64 -20.60
N SER A 148 2.01 -21.07 -19.35
CA SER A 148 3.37 -21.32 -18.92
C SER A 148 4.24 -20.08 -19.02
N ALA A 149 5.37 -20.09 -19.75
CA ALA A 149 6.15 -18.84 -19.93
C ALA A 149 5.28 -17.70 -20.48
N GLY A 150 4.28 -18.06 -21.29
CA GLY A 150 3.43 -17.06 -21.87
C GLY A 150 2.41 -16.59 -20.80
N GLY A 151 2.10 -17.41 -19.78
CA GLY A 151 1.24 -16.92 -18.68
C GLY A 151 2.12 -16.02 -17.76
N GLN A 152 3.43 -16.30 -17.67
CA GLN A 152 4.36 -15.30 -17.04
C GLN A 152 4.32 -13.97 -17.82
N PHE A 153 4.44 -14.04 -19.15
CA PHE A 153 4.39 -12.85 -20.01
C PHE A 153 3.10 -12.05 -19.81
N VAL A 154 1.96 -12.73 -19.84
CA VAL A 154 0.67 -12.06 -19.75
C VAL A 154 0.46 -11.30 -18.44
N HIS A 155 0.77 -11.94 -17.29
CA HIS A 155 0.53 -11.22 -16.00
C HIS A 155 1.51 -10.08 -15.78
N ARG A 156 2.69 -10.20 -16.37
CA ARG A 156 3.71 -9.14 -16.26
C ARG A 156 3.37 -8.03 -17.25
N LEU A 157 2.74 -8.38 -18.37
CA LEU A 157 2.19 -7.41 -19.30
C LEU A 157 1.12 -6.56 -18.56
N MSE A 158 0.24 -7.26 -17.86
CA MSE A 158 -0.80 -6.59 -17.05
C MSE A 158 -0.25 -5.72 -15.94
O MSE A 158 -0.88 -4.73 -15.58
CB MSE A 158 -1.86 -7.59 -16.56
CG MSE A 158 -2.65 -8.25 -17.76
SE MSE A 158 -3.46 -6.96 -18.99
CE MSE A 158 -4.97 -6.62 -17.77
N SER A 159 0.92 -6.09 -15.39
CA SER A 159 1.56 -5.30 -14.35
C SER A 159 2.21 -4.01 -14.84
N SER A 160 2.47 -3.93 -16.13
CA SER A 160 3.36 -2.89 -16.67
C SER A 160 2.77 -2.07 -17.81
N GLN A 161 1.66 -2.52 -18.41
CA GLN A 161 1.11 -1.90 -19.65
C GLN A 161 -0.31 -1.36 -19.48
N PRO A 162 -0.70 -0.34 -20.28
CA PRO A 162 -2.11 0.08 -20.24
C PRO A 162 -3.10 -1.09 -20.53
N HIS A 163 -4.25 -1.07 -19.86
CA HIS A 163 -5.21 -2.17 -20.01
C HIS A 163 -6.28 -1.94 -21.07
N ALA A 164 -6.34 -0.70 -21.58
CA ALA A 164 -7.39 -0.32 -22.55
C ALA A 164 -7.61 -1.28 -23.74
N PRO A 165 -6.53 -1.82 -24.35
CA PRO A 165 -6.76 -2.72 -25.49
C PRO A 165 -7.47 -4.05 -25.15
N PHE A 166 -7.52 -4.46 -23.88
CA PHE A 166 -7.89 -5.82 -23.52
C PHE A 166 -9.24 -5.95 -22.82
N HIS A 167 -10.13 -6.71 -23.44
CA HIS A 167 -11.45 -7.04 -22.86
C HIS A 167 -11.44 -8.15 -21.78
N ALA A 168 -10.58 -9.13 -21.97
CA ALA A 168 -10.43 -10.26 -21.03
C ALA A 168 -9.03 -10.75 -21.11
N VAL A 169 -8.50 -11.25 -19.99
CA VAL A 169 -7.12 -11.68 -19.88
C VAL A 169 -7.06 -12.90 -18.93
N THR A 170 -6.41 -13.93 -19.40
CA THR A 170 -6.20 -15.17 -18.66
C THR A 170 -4.72 -15.60 -18.70
N ALA A 171 -4.14 -15.84 -17.51
CA ALA A 171 -2.81 -16.37 -17.46
C ALA A 171 -2.93 -17.81 -16.94
N ALA A 172 -2.46 -18.76 -17.72
CA ALA A 172 -2.72 -20.14 -17.43
C ALA A 172 -1.43 -20.86 -17.00
N ASN A 173 -1.42 -21.56 -15.87
CA ASN A 173 -0.20 -22.28 -15.41
C ASN A 173 1.13 -21.50 -15.56
N PRO A 174 1.20 -20.21 -15.16
CA PRO A 174 2.55 -19.62 -15.15
C PRO A 174 3.51 -20.42 -14.24
N GLY A 175 4.80 -20.53 -14.65
CA GLY A 175 5.79 -21.25 -13.83
C GLY A 175 6.08 -20.52 -12.50
N TRP A 176 6.03 -19.18 -12.49
CA TRP A 176 6.18 -18.41 -11.26
C TRP A 176 5.71 -16.96 -11.56
N TYR A 177 5.68 -16.12 -10.55
CA TYR A 177 4.95 -14.86 -10.67
C TYR A 177 5.78 -13.70 -10.17
N THR A 178 5.55 -12.56 -10.80
CA THR A 178 5.97 -11.26 -10.23
C THR A 178 4.90 -10.92 -9.18
N LEU A 179 5.32 -10.80 -7.93
CA LEU A 179 4.35 -10.53 -6.87
C LEU A 179 3.95 -9.07 -6.84
N PRO A 180 2.72 -8.77 -6.43
CA PRO A 180 2.17 -7.38 -6.50
C PRO A 180 2.66 -6.58 -5.29
N THR A 181 3.94 -6.25 -5.32
CA THR A 181 4.58 -5.53 -4.21
C THR A 181 5.89 -4.94 -4.69
N PHE A 182 6.23 -3.78 -4.13
CA PHE A 182 7.45 -3.10 -4.43
C PHE A 182 8.59 -3.57 -3.50
N GLU A 183 8.33 -4.58 -2.68
CA GLU A 183 9.39 -5.09 -1.79
C GLU A 183 10.58 -5.73 -2.53
N HIS A 184 10.33 -6.30 -3.72
CA HIS A 184 11.34 -7.05 -4.48
C HIS A 184 11.52 -6.42 -5.84
N ARG A 185 12.76 -6.50 -6.36
CA ARG A 185 13.05 -6.01 -7.69
C ARG A 185 12.39 -6.94 -8.70
N PHE A 186 11.90 -6.35 -9.76
CA PHE A 186 11.44 -7.12 -10.91
C PHE A 186 12.55 -8.08 -11.40
N PRO A 187 12.19 -9.33 -11.78
CA PRO A 187 10.81 -9.81 -11.94
C PRO A 187 10.17 -10.43 -10.66
N GLU A 188 10.87 -10.43 -9.52
CA GLU A 188 10.25 -11.03 -8.31
C GLU A 188 9.09 -10.15 -7.79
N GLY A 189 9.28 -8.83 -7.91
CA GLY A 189 8.28 -7.83 -7.49
C GLY A 189 8.24 -6.71 -8.51
N LEU A 190 7.71 -5.54 -8.14
CA LEU A 190 7.52 -4.45 -9.06
C LEU A 190 8.58 -3.33 -8.94
N ASP A 191 9.60 -3.52 -8.09
CA ASP A 191 10.55 -2.45 -7.80
C ASP A 191 11.66 -2.43 -8.86
N GLY A 192 12.30 -1.27 -9.03
CA GLY A 192 13.51 -1.15 -9.82
C GLY A 192 13.33 -1.07 -11.33
N VAL A 193 12.08 -0.87 -11.78
CA VAL A 193 11.76 -0.81 -13.23
C VAL A 193 10.88 0.36 -13.64
N GLY A 194 10.80 1.40 -12.81
CA GLY A 194 10.00 2.61 -13.12
C GLY A 194 8.48 2.45 -13.09
N LEU A 195 8.01 1.45 -12.35
CA LEU A 195 6.56 1.25 -12.18
C LEU A 195 6.05 2.05 -10.97
N THR A 196 4.74 2.31 -10.91
CA THR A 196 4.18 3.19 -9.84
C THR A 196 3.05 2.47 -9.10
N GLU A 197 2.62 3.04 -7.96
CA GLU A 197 1.42 2.54 -7.28
C GLU A 197 0.16 2.53 -8.15
N ASP A 198 0.06 3.46 -9.10
CA ASP A 198 -1.02 3.43 -10.08
C ASP A 198 -1.01 2.16 -10.95
N HIS A 199 0.18 1.69 -11.35
CA HIS A 199 0.25 0.45 -12.15
C HIS A 199 -0.31 -0.70 -11.30
N LEU A 200 0.13 -0.73 -10.05
CA LEU A 200 -0.33 -1.74 -9.12
C LEU A 200 -1.86 -1.69 -8.89
N ALA A 201 -2.40 -0.49 -8.67
CA ALA A 201 -3.85 -0.36 -8.46
C ALA A 201 -4.60 -0.88 -9.70
N ARG A 202 -4.13 -0.50 -10.89
CA ARG A 202 -4.81 -0.94 -12.12
C ARG A 202 -4.71 -2.45 -12.30
N LEU A 203 -3.53 -2.99 -11.99
CA LEU A 203 -3.35 -4.48 -12.02
C LEU A 203 -4.35 -5.19 -11.13
N LEU A 204 -4.39 -4.77 -9.87
CA LEU A 204 -5.30 -5.36 -8.90
C LEU A 204 -6.77 -5.28 -9.25
N ALA A 205 -7.20 -4.20 -9.91
CA ALA A 205 -8.60 -3.99 -10.23
C ALA A 205 -9.08 -4.86 -11.38
N TYR A 206 -8.14 -5.20 -12.28
CA TYR A 206 -8.50 -5.82 -13.54
C TYR A 206 -9.08 -7.22 -13.28
N PRO A 207 -10.16 -7.59 -14.00
CA PRO A 207 -10.70 -8.96 -13.78
C PRO A 207 -9.91 -10.10 -14.46
N MSE A 208 -8.61 -10.18 -14.17
CA MSE A 208 -7.77 -11.17 -14.78
C MSE A 208 -8.14 -12.53 -14.22
O MSE A 208 -8.36 -12.62 -13.04
CB MSE A 208 -6.28 -10.87 -14.36
CG MSE A 208 -5.36 -11.90 -15.00
SE MSE A 208 -3.49 -11.24 -14.80
CE MSE A 208 -3.94 -9.48 -15.44
N THR A 209 -8.19 -13.58 -15.07
CA THR A 209 -8.35 -14.97 -14.60
C THR A 209 -6.95 -15.59 -14.48
N ILE A 210 -6.71 -16.20 -13.33
CA ILE A 210 -5.58 -17.07 -13.17
C ILE A 210 -6.11 -18.45 -13.37
N LEU A 211 -5.69 -19.12 -14.45
CA LEU A 211 -6.26 -20.43 -14.77
C LEU A 211 -5.23 -21.50 -14.41
N ALA A 212 -5.59 -22.34 -13.45
CA ALA A 212 -4.61 -23.26 -12.83
C ALA A 212 -5.09 -24.72 -12.92
N GLY A 213 -4.34 -25.58 -13.60
CA GLY A 213 -4.66 -27.02 -13.63
C GLY A 213 -4.27 -27.63 -12.31
N ASP A 214 -5.18 -28.39 -11.70
CA ASP A 214 -4.89 -28.96 -10.39
C ASP A 214 -4.01 -30.20 -10.41
N GLN A 215 -3.69 -30.66 -11.61
CA GLN A 215 -2.70 -31.69 -11.84
C GLN A 215 -1.35 -31.09 -12.31
N ASP A 216 -1.19 -29.76 -12.29
CA ASP A 216 0.13 -29.18 -12.62
C ASP A 216 0.96 -29.17 -11.35
N ILE A 217 1.35 -30.38 -10.96
CA ILE A 217 1.89 -30.62 -9.63
C ILE A 217 3.18 -31.44 -9.68
N ALA A 218 3.73 -31.65 -10.88
CA ALA A 218 5.03 -32.30 -11.01
C ALA A 218 6.14 -31.33 -10.52
N THR A 219 7.16 -31.88 -9.87
CA THR A 219 8.09 -31.07 -9.03
C THR A 219 9.58 -31.03 -9.46
N PRO A 222 12.14 -29.95 -14.26
CA PRO A 222 13.36 -29.64 -15.03
C PRO A 222 13.22 -28.29 -15.74
N ASN A 223 12.07 -28.10 -16.37
CA ASN A 223 11.69 -26.79 -16.89
C ASN A 223 10.95 -25.90 -15.89
N LEU A 224 10.66 -26.44 -14.71
CA LEU A 224 9.97 -25.68 -13.66
C LEU A 224 10.90 -24.62 -13.07
N PRO A 225 10.48 -23.33 -13.09
CA PRO A 225 11.34 -22.31 -12.50
C PRO A 225 11.81 -22.68 -11.09
N SER A 226 13.12 -22.73 -10.89
CA SER A 226 13.71 -23.26 -9.67
C SER A 226 14.66 -22.32 -8.96
N GLU A 227 14.71 -21.04 -9.34
CA GLU A 227 15.43 -20.04 -8.55
C GLU A 227 14.74 -19.77 -7.20
N PRO A 228 15.50 -19.24 -6.22
CA PRO A 228 14.91 -19.11 -4.88
C PRO A 228 13.58 -18.34 -4.85
N ALA A 229 13.46 -17.30 -5.67
CA ALA A 229 12.24 -16.51 -5.70
C ALA A 229 11.07 -17.33 -6.21
N ALA A 230 11.31 -18.24 -7.14
CA ALA A 230 10.25 -19.14 -7.61
C ALA A 230 9.90 -20.18 -6.52
N LEU A 231 10.92 -20.77 -5.92
CA LEU A 231 10.70 -21.81 -4.86
C LEU A 231 9.87 -21.31 -3.69
N ARG A 232 10.12 -20.07 -3.25
CA ARG A 232 9.36 -19.42 -2.17
C ARG A 232 7.85 -19.35 -2.43
N GLN A 233 7.45 -19.33 -3.70
CA GLN A 233 6.03 -19.31 -4.06
C GLN A 233 5.36 -20.69 -3.98
N GLY A 234 6.15 -21.76 -3.85
CA GLY A 234 5.55 -23.10 -3.70
C GLY A 234 6.25 -24.20 -4.51
N PRO A 235 5.91 -25.49 -4.23
CA PRO A 235 6.67 -26.59 -4.86
C PRO A 235 6.36 -26.87 -6.34
N HIS A 236 5.26 -26.32 -6.86
CA HIS A 236 4.76 -26.63 -8.19
C HIS A 236 3.88 -25.49 -8.66
N ARG A 237 3.46 -25.51 -9.93
CA ARG A 237 2.82 -24.34 -10.50
C ARG A 237 1.46 -24.14 -9.85
N TYR A 238 0.79 -25.23 -9.52
CA TYR A 238 -0.57 -25.11 -8.97
C TYR A 238 -0.49 -24.38 -7.60
N ALA A 239 0.45 -24.78 -6.73
CA ALA A 239 0.67 -24.03 -5.47
C ALA A 239 0.99 -22.55 -5.72
N ARG A 240 1.84 -22.29 -6.73
CA ARG A 240 2.24 -20.92 -6.99
C ARG A 240 1.08 -20.06 -7.42
N ALA A 241 0.17 -20.64 -8.20
CA ALA A 241 -1.04 -19.94 -8.65
C ALA A 241 -1.87 -19.46 -7.44
N ARG A 242 -2.03 -20.33 -6.44
CA ARG A 242 -2.79 -19.98 -5.23
C ARG A 242 -2.06 -18.90 -4.42
N HIS A 243 -0.74 -19.00 -4.40
CA HIS A 243 0.11 -18.06 -3.68
C HIS A 243 -0.06 -16.67 -4.32
N TYR A 244 -0.02 -16.59 -5.65
CA TYR A 244 -0.18 -15.30 -6.36
C TYR A 244 -1.52 -14.65 -6.09
N TYR A 245 -2.57 -15.46 -6.24
CA TYR A 245 -3.92 -15.03 -5.93
C TYR A 245 -4.06 -14.43 -4.52
N GLU A 246 -3.54 -15.12 -3.50
N GLU A 246 -3.51 -15.15 -3.55
CA GLU A 246 -3.65 -14.59 -2.13
CA GLU A 246 -3.50 -14.76 -2.13
C GLU A 246 -2.81 -13.32 -1.95
C GLU A 246 -2.73 -13.46 -1.87
N ALA A 247 -1.66 -13.25 -2.64
CA ALA A 247 -0.77 -12.08 -2.55
C ALA A 247 -1.48 -10.84 -3.12
N GLY A 248 -2.22 -11.03 -4.19
CA GLY A 248 -3.00 -9.95 -4.79
C GLY A 248 -4.15 -9.52 -3.86
N GLN A 249 -4.83 -10.51 -3.28
CA GLN A 249 -5.91 -10.26 -2.30
C GLN A 249 -5.38 -9.39 -1.15
N ARG A 250 -4.22 -9.77 -0.62
CA ARG A 250 -3.63 -9.02 0.50
C ARG A 250 -3.14 -7.64 0.08
N ALA A 251 -2.51 -7.54 -1.10
CA ALA A 251 -2.06 -6.23 -1.59
C ALA A 251 -3.22 -5.26 -1.73
N ALA A 252 -4.35 -5.74 -2.25
CA ALA A 252 -5.54 -4.87 -2.46
C ALA A 252 -6.11 -4.47 -1.12
N ALA A 253 -6.21 -5.44 -0.21
CA ALA A 253 -6.83 -5.15 1.10
C ALA A 253 -5.99 -4.20 1.96
N GLN A 254 -4.67 -4.30 1.87
N GLN A 254 -4.68 -4.30 1.89
CA GLN A 254 -3.79 -3.42 2.65
CA GLN A 254 -3.83 -3.40 2.69
C GLN A 254 -3.92 -1.98 2.16
C GLN A 254 -3.93 -1.96 2.17
N ARG A 255 -4.40 -1.84 0.92
CA ARG A 255 -4.54 -0.56 0.29
C ARG A 255 -5.98 -0.04 0.24
N GLY A 256 -6.93 -0.88 0.65
CA GLY A 256 -8.35 -0.58 0.56
C GLY A 256 -8.82 -0.46 -0.88
N LEU A 257 -8.14 -1.16 -1.80
CA LEU A 257 -8.42 -1.13 -3.24
C LEU A 257 -9.40 -2.21 -3.71
N PRO A 258 -10.18 -1.90 -4.77
CA PRO A 258 -10.94 -3.00 -5.41
C PRO A 258 -10.02 -4.11 -6.00
N PHE A 259 -10.48 -5.37 -5.90
CA PHE A 259 -9.70 -6.52 -6.33
C PHE A 259 -10.54 -7.35 -7.30
N GLY A 260 -10.04 -7.49 -8.53
CA GLY A 260 -10.80 -8.06 -9.64
C GLY A 260 -10.39 -9.47 -10.04
N TRP A 261 -9.28 -9.97 -9.50
CA TRP A 261 -8.76 -11.27 -10.00
C TRP A 261 -9.68 -12.42 -9.64
N GLN A 262 -9.68 -13.46 -10.48
CA GLN A 262 -10.39 -14.67 -10.20
C GLN A 262 -9.41 -15.81 -10.39
N LEU A 263 -9.38 -16.71 -9.42
CA LEU A 263 -8.65 -17.96 -9.50
C LEU A 263 -9.57 -19.08 -9.99
N GLN A 264 -9.27 -19.64 -11.15
CA GLN A 264 -10.14 -20.68 -11.69
C GLN A 264 -9.36 -21.98 -11.76
N VAL A 265 -9.66 -22.94 -10.88
CA VAL A 265 -8.96 -24.21 -10.91
C VAL A 265 -9.58 -25.07 -11.97
N VAL A 266 -8.75 -25.72 -12.79
CA VAL A 266 -9.22 -26.71 -13.76
C VAL A 266 -9.01 -28.15 -13.22
N PRO A 267 -10.12 -28.86 -12.89
CA PRO A 267 -9.93 -30.19 -12.32
C PRO A 267 -9.43 -31.20 -13.36
N GLY A 268 -8.39 -31.92 -13.00
CA GLY A 268 -7.87 -33.04 -13.81
C GLY A 268 -6.98 -32.68 -15.00
N ILE A 269 -6.58 -31.43 -15.13
CA ILE A 269 -5.73 -31.01 -16.22
C ILE A 269 -4.40 -30.59 -15.60
N GLY A 270 -3.30 -30.91 -16.25
CA GLY A 270 -1.98 -30.56 -15.72
C GLY A 270 -1.33 -29.48 -16.57
N HIS A 271 -0.04 -29.67 -16.89
CA HIS A 271 0.71 -28.71 -17.64
C HIS A 271 0.62 -28.99 -19.15
N ASP A 272 -0.52 -28.60 -19.74
CA ASP A 272 -0.93 -29.04 -21.06
C ASP A 272 -1.55 -27.78 -21.74
N GLY A 273 -0.73 -27.06 -22.47
CA GLY A 273 -1.15 -25.81 -23.12
C GLY A 273 -2.33 -26.00 -24.07
N GLN A 274 -2.38 -27.12 -24.79
CA GLN A 274 -3.54 -27.38 -25.66
C GLN A 274 -4.83 -27.56 -24.86
N ALA A 275 -4.80 -28.39 -23.80
CA ALA A 275 -6.00 -28.55 -22.96
C ALA A 275 -6.39 -27.20 -22.33
N MSE A 276 -5.40 -26.44 -21.85
CA MSE A 276 -5.69 -25.20 -21.14
C MSE A 276 -6.25 -24.16 -22.13
O MSE A 276 -7.13 -23.37 -21.77
CB MSE A 276 -4.47 -24.66 -20.40
CG MSE A 276 -3.93 -25.62 -19.29
SE MSE A 276 -5.25 -25.73 -17.77
CE MSE A 276 -4.74 -24.01 -16.97
N SER A 277 -5.76 -24.19 -23.37
CA SER A 277 -6.33 -23.39 -24.46
C SER A 277 -7.82 -23.70 -24.69
N GLN A 278 -8.18 -24.96 -24.77
CA GLN A 278 -9.56 -25.34 -25.06
C GLN A 278 -10.50 -25.06 -23.87
N VAL A 279 -9.97 -25.19 -22.66
CA VAL A 279 -10.71 -24.82 -21.46
C VAL A 279 -10.97 -23.33 -21.42
N CYS A 280 -9.93 -22.54 -21.72
CA CYS A 280 -10.05 -21.08 -21.76
C CYS A 280 -11.09 -20.59 -22.78
N ALA A 281 -11.08 -21.22 -23.96
CA ALA A 281 -12.02 -20.94 -25.04
C ALA A 281 -13.43 -21.27 -24.59
N SER A 282 -13.57 -22.39 -23.87
CA SER A 282 -14.87 -22.79 -23.34
C SER A 282 -15.39 -21.75 -22.32
N LEU A 283 -14.53 -21.29 -21.42
CA LEU A 283 -14.93 -20.38 -20.40
C LEU A 283 -15.34 -19.02 -21.01
N TRP A 284 -14.56 -18.57 -22.01
CA TRP A 284 -14.77 -17.28 -22.63
C TRP A 284 -15.91 -17.29 -23.63
N PHE A 285 -16.00 -18.33 -24.42
CA PHE A 285 -16.96 -18.28 -25.52
C PHE A 285 -18.14 -19.19 -25.41
N ASP A 286 -18.03 -20.26 -24.62
CA ASP A 286 -19.23 -21.05 -24.24
C ASP A 286 -19.80 -20.69 -22.86
N GLY A 287 -19.07 -19.87 -22.11
CA GLY A 287 -19.49 -19.44 -20.79
C GLY A 287 -19.55 -20.56 -19.77
N ARG A 288 -18.69 -21.55 -19.91
CA ARG A 288 -18.81 -22.73 -19.08
C ARG A 288 -17.48 -23.46 -18.96
N MSE A 289 -17.33 -24.18 -17.87
CA MSE A 289 -16.27 -25.14 -17.75
C MSE A 289 -16.70 -26.42 -18.49
O MSE A 289 -17.87 -26.88 -18.35
CB MSE A 289 -15.98 -25.35 -16.27
CG MSE A 289 -14.96 -26.40 -15.94
SE MSE A 289 -13.12 -25.70 -16.22
CE MSE A 289 -13.35 -23.98 -15.51
N PRO A 290 -15.80 -27.01 -19.30
CA PRO A 290 -16.17 -28.32 -19.89
C PRO A 290 -16.54 -29.34 -18.79
N ASP A 291 -17.40 -30.30 -19.12
CA ASP A 291 -17.77 -31.28 -18.09
C ASP A 291 -16.66 -32.34 -17.86
N ALA A 292 -16.82 -33.16 -16.82
CA ALA A 292 -15.77 -34.13 -16.44
C ALA A 292 -15.36 -35.04 -17.59
N ALA A 293 -16.32 -35.46 -18.40
CA ALA A 293 -16.08 -36.34 -19.56
C ALA A 293 -15.21 -35.65 -20.59
N GLU A 294 -15.52 -34.39 -20.88
N GLU A 294 -15.52 -34.37 -20.82
CA GLU A 294 -14.69 -33.60 -21.77
CA GLU A 294 -14.80 -33.53 -21.75
C GLU A 294 -13.32 -33.39 -21.16
C GLU A 294 -13.39 -33.22 -21.21
N LEU A 295 -13.29 -32.93 -19.91
CA LEU A 295 -11.99 -32.73 -19.24
C LEU A 295 -11.14 -34.02 -19.32
N ALA A 296 -11.76 -35.16 -19.04
CA ALA A 296 -11.04 -36.44 -19.16
C ALA A 296 -10.56 -36.70 -20.59
N ARG A 297 -11.35 -36.28 -21.58
CA ARG A 297 -10.96 -36.39 -22.97
C ARG A 297 -9.70 -35.57 -23.18
N LEU A 298 -9.73 -34.32 -22.70
CA LEU A 298 -8.59 -33.40 -22.81
C LEU A 298 -7.36 -33.85 -22.04
N ALA A 299 -7.55 -34.52 -20.90
CA ALA A 299 -6.42 -35.00 -20.09
C ALA A 299 -5.68 -36.18 -20.76
N LYS B 5 -19.00 39.57 30.21
CA LYS B 5 -18.74 38.42 31.14
C LYS B 5 -17.53 37.59 30.71
N PRO B 6 -16.72 37.14 31.69
CA PRO B 6 -15.58 36.28 31.39
C PRO B 6 -15.92 35.13 30.43
N ALA B 7 -17.06 34.45 30.63
CA ALA B 7 -17.49 33.34 29.76
C ALA B 7 -17.52 33.68 28.27
N ASP B 8 -17.80 34.95 27.97
CA ASP B 8 -17.84 35.48 26.60
C ASP B 8 -16.48 35.70 25.91
N LEU B 9 -15.39 35.69 26.68
CA LEU B 9 -14.05 35.73 26.12
C LEU B 9 -13.83 34.58 25.12
N THR B 10 -13.31 34.90 23.94
CA THR B 10 -12.93 33.86 22.98
C THR B 10 -11.72 33.06 23.51
N ASN B 11 -11.48 31.88 22.91
CA ASN B 11 -10.27 31.11 23.20
C ASN B 11 -8.98 31.94 22.98
N ALA B 12 -8.89 32.64 21.85
CA ALA B 12 -7.75 33.50 21.61
C ALA B 12 -7.57 34.62 22.66
N ASP B 13 -8.68 35.24 23.12
CA ASP B 13 -8.64 36.27 24.18
C ASP B 13 -8.15 35.67 25.47
N ARG B 14 -8.68 34.50 25.79
CA ARG B 14 -8.30 33.84 27.04
C ARG B 14 -6.82 33.48 27.05
N ILE B 15 -6.37 32.88 25.95
CA ILE B 15 -4.95 32.56 25.81
C ILE B 15 -4.01 33.77 25.89
N ALA B 16 -4.39 34.86 25.22
CA ALA B 16 -3.59 36.07 25.26
C ALA B 16 -3.44 36.59 26.70
N LEU B 17 -4.53 36.52 27.47
CA LEU B 17 -4.51 36.95 28.85
C LEU B 17 -3.74 35.97 29.74
N GLU B 18 -4.01 34.68 29.62
N GLU B 18 -4.08 34.67 29.62
CA GLU B 18 -3.49 33.75 30.61
CA GLU B 18 -3.62 33.61 30.54
C GLU B 18 -2.09 33.20 30.30
C GLU B 18 -2.29 32.93 30.18
N LEU B 19 -1.69 33.28 29.04
CA LEU B 19 -0.39 32.78 28.66
C LEU B 19 0.62 33.90 28.46
N GLY B 20 0.27 35.11 28.90
CA GLY B 20 1.11 36.25 28.63
C GLY B 20 2.26 36.40 29.62
N HIS B 21 2.10 35.82 30.81
CA HIS B 21 3.08 35.96 31.88
C HIS B 21 3.66 34.60 32.25
N ALA B 22 4.88 34.62 32.74
CA ALA B 22 5.57 33.39 33.17
C ALA B 22 4.84 32.64 34.26
N GLY B 23 5.01 31.31 34.22
CA GLY B 23 4.61 30.41 35.31
C GLY B 23 3.64 29.33 34.81
N ARG B 24 3.03 28.62 35.75
CA ARG B 24 2.07 27.60 35.41
C ARG B 24 0.71 28.23 35.25
N ASN B 25 -0.14 27.63 34.44
CA ASN B 25 -1.54 28.03 34.36
C ASN B 25 -2.42 26.84 33.98
N ALA B 26 -3.72 26.96 34.23
CA ALA B 26 -4.74 26.07 33.71
C ALA B 26 -5.75 26.96 32.98
N ILE B 27 -5.89 26.76 31.67
CA ILE B 27 -6.76 27.58 30.86
C ILE B 27 -7.93 26.76 30.31
N PRO B 28 -9.15 27.06 30.77
CA PRO B 28 -10.32 26.34 30.24
C PRO B 28 -10.47 26.69 28.74
N TYR B 29 -10.82 25.69 27.95
CA TYR B 29 -10.88 25.86 26.52
C TYR B 29 -12.18 25.24 26.06
N LEU B 30 -12.83 25.93 25.14
N LEU B 30 -12.89 25.91 25.16
CA LEU B 30 -14.05 25.40 24.56
CA LEU B 30 -14.09 25.27 24.63
C LEU B 30 -13.99 25.46 23.05
C LEU B 30 -14.22 25.43 23.11
N ASP B 31 -14.11 24.31 22.40
CA ASP B 31 -14.29 24.30 20.96
C ASP B 31 -15.81 24.25 20.70
N ASP B 32 -16.36 25.44 20.57
CA ASP B 32 -17.78 25.65 20.33
C ASP B 32 -18.28 25.07 18.99
N ASP B 33 -17.37 25.01 18.02
CA ASP B 33 -17.67 24.52 16.69
C ASP B 33 -18.00 23.00 16.65
N ARG B 34 -16.99 22.14 16.80
CA ARG B 34 -17.22 20.70 16.69
C ARG B 34 -17.26 19.93 18.04
N ASN B 35 -17.08 20.62 19.15
CA ASN B 35 -17.05 19.94 20.45
C ASN B 35 -17.70 20.77 21.54
N ALA B 36 -18.85 21.40 21.23
CA ALA B 36 -19.58 22.25 22.20
C ALA B 36 -19.98 21.46 23.43
N ASP B 37 -20.25 20.17 23.26
CA ASP B 37 -20.63 19.37 24.40
C ASP B 37 -19.44 19.04 25.30
N ARG B 38 -18.20 19.35 24.87
N ARG B 38 -18.21 19.34 24.87
CA ARG B 38 -16.99 18.78 25.49
CA ARG B 38 -17.02 18.75 25.51
C ARG B 38 -15.86 19.79 25.78
C ARG B 38 -15.87 19.73 25.79
N PRO B 39 -16.00 20.56 26.84
CA PRO B 39 -14.90 21.41 27.21
C PRO B 39 -13.64 20.63 27.62
N PHE B 40 -12.49 21.34 27.63
CA PHE B 40 -11.25 20.73 28.14
C PHE B 40 -10.33 21.83 28.64
N THR B 41 -9.16 21.46 29.13
CA THR B 41 -8.29 22.39 29.85
C THR B 41 -6.89 22.41 29.20
N LEU B 42 -6.29 23.57 29.06
CA LEU B 42 -4.86 23.62 28.70
C LEU B 42 -4.08 23.81 29.98
N ASN B 43 -3.33 22.81 30.39
CA ASN B 43 -2.41 22.98 31.53
C ASN B 43 -1.07 23.43 30.93
N THR B 44 -0.65 24.67 31.24
CA THR B 44 0.44 25.33 30.48
C THR B 44 1.59 25.69 31.37
N TYR B 45 2.78 25.89 30.75
CA TYR B 45 3.88 26.54 31.48
C TYR B 45 4.57 27.50 30.54
N ARG B 46 4.77 28.74 30.99
CA ARG B 46 5.52 29.73 30.26
C ARG B 46 6.77 30.12 31.09
N PRO B 47 7.98 29.88 30.53
CA PRO B 47 9.20 30.17 31.30
C PRO B 47 9.44 31.69 31.31
N TYR B 48 10.23 32.17 32.25
CA TYR B 48 10.74 33.54 32.13
C TYR B 48 11.62 33.62 30.89
N GLY B 49 11.53 34.76 30.23
CA GLY B 49 12.33 35.07 29.05
C GLY B 49 11.78 34.42 27.79
N TYR B 50 10.55 33.91 27.84
CA TYR B 50 9.92 33.36 26.63
C TYR B 50 9.62 34.44 25.61
N THR B 51 9.94 34.16 24.34
CA THR B 51 9.62 35.05 23.24
C THR B 51 8.91 34.26 22.12
N PRO B 52 8.09 34.94 21.30
CA PRO B 52 7.20 34.20 20.36
C PRO B 52 7.91 33.35 19.29
N ASP B 53 9.21 33.57 19.08
CA ASP B 53 10.00 32.75 18.13
C ASP B 53 10.45 31.42 18.72
N ARG B 54 10.31 31.26 20.02
CA ARG B 54 10.79 30.03 20.68
C ARG B 54 9.86 28.81 20.54
N PRO B 55 10.37 27.59 20.76
CA PRO B 55 9.52 26.42 20.49
C PRO B 55 8.30 26.29 21.40
N VAL B 56 7.34 25.55 20.90
CA VAL B 56 6.12 25.23 21.64
C VAL B 56 6.13 23.69 21.70
N VAL B 57 5.93 23.14 22.89
CA VAL B 57 5.86 21.67 23.03
C VAL B 57 4.42 21.31 23.43
N VAL B 58 3.71 20.51 22.64
CA VAL B 58 2.35 20.06 23.03
C VAL B 58 2.61 18.70 23.69
N VAL B 59 2.09 18.50 24.89
CA VAL B 59 2.36 17.29 25.65
C VAL B 59 1.02 16.59 25.96
N GLN B 60 0.91 15.30 25.62
CA GLN B 60 -0.37 14.58 25.80
C GLN B 60 -0.18 13.52 26.89
N HIS B 61 -1.02 13.63 27.91
CA HIS B 61 -1.01 12.79 29.08
C HIS B 61 -1.42 11.34 28.72
N GLY B 62 -1.14 10.36 29.60
CA GLY B 62 -1.68 9.04 29.38
C GLY B 62 -3.06 8.82 30.00
N VAL B 63 -3.30 7.59 30.44
CA VAL B 63 -4.66 7.13 30.79
C VAL B 63 -5.25 7.81 32.07
N LEU B 64 -4.38 8.35 32.93
CA LEU B 64 -4.84 9.03 34.14
C LEU B 64 -5.39 10.44 33.85
N ARG B 65 -5.21 10.95 32.63
CA ARG B 65 -5.73 12.26 32.21
C ARG B 65 -5.06 13.37 33.09
N ASN B 66 -3.83 13.09 33.51
CA ASN B 66 -3.14 13.98 34.44
C ASN B 66 -2.27 14.98 33.67
N GLY B 67 -2.95 15.87 32.93
CA GLY B 67 -2.28 16.89 32.15
C GLY B 67 -1.42 17.86 32.98
N ALA B 68 -1.87 18.22 34.19
CA ALA B 68 -1.08 19.14 35.03
C ALA B 68 0.24 18.45 35.42
N ASP B 69 0.17 17.14 35.66
CA ASP B 69 1.34 16.38 36.03
C ASP B 69 2.30 16.33 34.85
N TYR B 70 1.77 16.10 33.62
CA TYR B 70 2.65 16.04 32.46
C TYR B 70 3.27 17.39 32.16
N ARG B 71 2.48 18.44 32.33
CA ARG B 71 2.99 19.83 32.14
C ARG B 71 4.20 20.03 33.09
N ASP B 72 4.04 19.62 34.34
CA ASP B 72 5.10 19.68 35.37
C ASP B 72 6.37 18.91 34.99
N PHE B 73 6.22 17.72 34.37
CA PHE B 73 7.43 16.99 33.92
C PHE B 73 8.33 17.76 32.99
N TRP B 74 7.73 18.64 32.20
CA TRP B 74 8.47 19.42 31.20
C TRP B 74 9.02 20.77 31.70
N ILE B 75 8.73 21.13 32.95
CA ILE B 75 9.18 22.48 33.46
C ILE B 75 10.72 22.64 33.42
N PRO B 76 11.48 21.63 33.90
CA PRO B 76 12.93 21.80 33.80
C PRO B 76 13.48 22.02 32.39
N ALA B 77 12.95 21.31 31.38
CA ALA B 77 13.37 21.56 29.98
C ALA B 77 12.88 22.93 29.55
N ALA B 78 11.66 23.30 29.94
CA ALA B 78 11.06 24.56 29.47
C ALA B 78 11.90 25.75 29.99
N ASP B 79 12.33 25.63 31.22
CA ASP B 79 13.15 26.67 31.88
C ASP B 79 14.51 26.78 31.20
N ARG B 80 15.14 25.64 30.96
N ARG B 80 15.12 25.63 30.93
CA ARG B 80 16.47 25.67 30.35
CA ARG B 80 16.46 25.61 30.37
C ARG B 80 16.41 26.14 28.89
C ARG B 80 16.50 25.97 28.89
N HIS B 81 15.47 25.59 28.13
CA HIS B 81 15.45 25.82 26.68
C HIS B 81 14.46 26.88 26.21
N LYS B 82 13.76 27.51 27.18
CA LYS B 82 12.72 28.54 26.91
C LYS B 82 11.63 27.98 25.98
N LEU B 83 10.98 26.92 26.45
CA LEU B 83 9.91 26.22 25.69
C LEU B 83 8.60 26.67 26.31
N LEU B 84 7.61 26.93 25.48
CA LEU B 84 6.22 27.06 25.94
C LEU B 84 5.59 25.66 26.02
N ILE B 85 5.13 25.24 27.19
CA ILE B 85 4.53 23.92 27.36
C ILE B 85 3.03 24.04 27.36
N VAL B 86 2.37 23.23 26.53
CA VAL B 86 0.92 23.21 26.49
C VAL B 86 0.49 21.76 26.58
N ALA B 87 -0.28 21.42 27.62
CA ALA B 87 -0.79 20.06 27.76
C ALA B 87 -2.32 20.08 27.71
N PRO B 88 -2.89 19.83 26.51
CA PRO B 88 -4.33 19.72 26.32
C PRO B 88 -4.79 18.50 27.14
N THR B 89 -5.71 18.75 28.10
CA THR B 89 -6.10 17.80 29.10
C THR B 89 -7.58 17.46 29.01
N PHE B 90 -7.86 16.18 28.76
CA PHE B 90 -9.21 15.68 28.46
C PHE B 90 -9.66 14.86 29.67
N SER B 91 -10.61 15.39 30.45
CA SER B 91 -11.02 14.72 31.68
C SER B 91 -11.84 13.43 31.42
N ASP B 92 -11.77 12.50 32.38
CA ASP B 92 -12.55 11.26 32.32
C ASP B 92 -14.05 11.59 32.28
N GLU B 93 -14.48 12.61 33.04
N GLU B 93 -14.51 12.59 33.04
CA GLU B 93 -15.90 13.03 33.14
CA GLU B 93 -15.95 12.95 33.11
C GLU B 93 -16.45 13.37 31.76
C GLU B 93 -16.47 13.37 31.74
N ILE B 94 -15.68 14.18 31.04
CA ILE B 94 -16.16 14.82 29.81
C ILE B 94 -15.80 14.03 28.53
N TRP B 95 -14.67 13.35 28.58
CA TRP B 95 -14.13 12.62 27.41
C TRP B 95 -13.90 11.15 27.91
N PRO B 96 -14.99 10.42 28.24
CA PRO B 96 -14.81 9.10 28.87
C PRO B 96 -14.23 8.04 27.93
N GLY B 97 -13.33 7.24 28.50
CA GLY B 97 -12.95 6.02 27.86
C GLY B 97 -11.87 6.21 26.80
N VAL B 98 -11.35 5.09 26.33
CA VAL B 98 -10.37 5.12 25.23
C VAL B 98 -11.05 5.60 23.95
N GLU B 99 -12.37 5.42 23.85
CA GLU B 99 -13.07 5.80 22.62
C GLU B 99 -13.02 7.32 22.43
N SER B 100 -13.02 8.11 23.52
CA SER B 100 -13.00 9.61 23.39
C SER B 100 -11.61 10.25 23.30
N TYR B 101 -10.63 9.64 23.96
CA TYR B 101 -9.30 10.19 24.03
C TYR B 101 -8.37 9.40 23.09
N ASN B 102 -7.90 8.20 23.50
CA ASN B 102 -6.98 7.42 22.65
C ASN B 102 -7.44 7.30 21.18
N ASN B 103 -8.73 6.99 20.98
CA ASN B 103 -9.31 6.67 19.67
C ASN B 103 -9.92 7.88 18.95
N GLY B 104 -9.79 9.05 19.57
CA GLY B 104 -10.18 10.30 18.89
C GLY B 104 -11.62 10.50 18.49
N ARG B 105 -12.57 9.78 19.11
CA ARG B 105 -14.00 9.84 18.69
C ARG B 105 -14.18 9.75 17.17
N ALA B 106 -13.43 8.83 16.59
CA ALA B 106 -13.38 8.57 15.13
C ALA B 106 -14.76 8.18 14.53
N PHE B 107 -15.58 7.52 15.32
CA PHE B 107 -16.92 7.09 14.85
C PHE B 107 -18.06 7.87 15.45
N THR B 108 -19.14 7.99 14.68
CA THR B 108 -20.41 8.43 15.21
C THR B 108 -21.03 7.30 15.99
N ALA B 109 -22.09 7.63 16.72
CA ALA B 109 -22.81 6.65 17.50
C ALA B 109 -23.27 5.48 16.64
N ALA B 110 -23.74 5.77 15.43
CA ALA B 110 -24.23 4.71 14.56
C ALA B 110 -23.06 3.92 13.91
N GLY B 111 -21.83 4.34 14.21
CA GLY B 111 -20.65 3.57 13.77
C GLY B 111 -20.19 3.99 12.39
N ASN B 112 -20.63 5.16 11.93
CA ASN B 112 -20.12 5.72 10.68
C ASN B 112 -18.92 6.63 10.93
N PRO B 113 -18.11 6.89 9.88
CA PRO B 113 -16.94 7.73 10.17
C PRO B 113 -17.34 9.17 10.43
N ARG B 114 -16.80 9.75 11.49
CA ARG B 114 -16.87 11.21 11.69
C ARG B 114 -15.85 11.93 10.77
N HIS B 115 -16.17 13.15 10.32
CA HIS B 115 -15.21 13.95 9.52
C HIS B 115 -13.92 14.12 10.35
N VAL B 116 -12.76 14.08 9.71
CA VAL B 116 -11.48 14.04 10.52
C VAL B 116 -11.31 15.32 11.29
N ASP B 117 -11.85 16.43 10.79
CA ASP B 117 -11.85 17.73 11.52
C ASP B 117 -12.53 17.66 12.86
N GLY B 118 -13.40 16.65 13.04
CA GLY B 118 -14.19 16.53 14.28
C GLY B 118 -13.58 15.54 15.29
N TRP B 119 -12.52 14.86 14.90
CA TRP B 119 -11.86 13.91 15.81
C TRP B 119 -11.13 14.69 16.92
N THR B 120 -10.97 14.06 18.08
CA THR B 120 -10.31 14.70 19.21
C THR B 120 -8.92 15.23 18.82
N TYR B 121 -8.23 14.52 17.92
CA TYR B 121 -6.86 14.85 17.54
C TYR B 121 -6.79 16.22 16.83
N ALA B 122 -7.88 16.62 16.18
CA ALA B 122 -7.94 17.88 15.39
C ALA B 122 -7.86 19.09 16.32
N LEU B 123 -8.12 18.89 17.61
CA LEU B 123 -8.14 19.98 18.57
C LEU B 123 -6.71 20.50 18.76
N VAL B 124 -5.71 19.65 18.56
CA VAL B 124 -4.29 20.12 18.77
C VAL B 124 -4.03 21.34 17.84
N ALA B 125 -4.23 21.14 16.53
CA ALA B 125 -4.09 22.25 15.58
C ALA B 125 -4.99 23.47 15.90
N ARG B 126 -6.20 23.25 16.45
CA ARG B 126 -7.09 24.42 16.75
C ARG B 126 -6.49 25.20 17.90
N VAL B 127 -5.96 24.47 18.89
CA VAL B 127 -5.28 25.14 20.00
C VAL B 127 -4.08 25.94 19.48
N LEU B 128 -3.27 25.33 18.58
CA LEU B 128 -2.07 26.02 18.09
C LEU B 128 -2.49 27.26 17.29
N ALA B 129 -3.58 27.15 16.53
CA ALA B 129 -4.10 28.32 15.75
C ALA B 129 -4.46 29.47 16.69
N ASN B 130 -5.02 29.13 17.86
CA ASN B 130 -5.39 30.13 18.87
C ASN B 130 -4.19 30.75 19.61
N ILE B 131 -3.17 29.94 19.89
CA ILE B 131 -1.89 30.45 20.38
C ILE B 131 -1.31 31.45 19.38
N ARG B 132 -1.32 31.13 18.09
N ARG B 132 -1.30 31.13 18.08
CA ARG B 132 -0.83 32.07 17.08
CA ARG B 132 -0.84 32.10 17.07
C ARG B 132 -1.70 33.33 17.06
C ARG B 132 -1.70 33.34 17.07
N ALA B 133 -3.02 33.13 17.12
CA ALA B 133 -3.97 34.27 17.10
C ALA B 133 -3.72 35.19 18.30
N ALA B 134 -3.42 34.58 19.46
CA ALA B 134 -3.17 35.37 20.66
C ALA B 134 -1.81 36.09 20.62
N GLU B 135 -1.02 35.83 19.57
CA GLU B 135 0.34 36.36 19.39
C GLU B 135 1.27 35.93 20.54
N ILE B 136 0.97 34.78 21.14
CA ILE B 136 1.80 34.25 22.21
C ILE B 136 3.04 33.60 21.61
N ALA B 137 2.87 32.87 20.52
CA ALA B 137 3.94 32.12 19.82
C ALA B 137 3.64 32.08 18.34
N ASP B 138 4.72 32.18 17.53
CA ASP B 138 4.62 32.08 16.07
C ASP B 138 4.20 30.64 15.69
N CYS B 139 4.49 29.63 16.52
CA CYS B 139 4.15 28.23 16.24
C CYS B 139 4.76 27.72 14.92
N GLU B 140 5.96 28.23 14.61
CA GLU B 140 6.74 27.79 13.46
C GLU B 140 7.53 26.53 13.82
N GLN B 141 7.81 26.33 15.10
CA GLN B 141 8.62 25.24 15.60
C GLN B 141 7.84 24.51 16.70
N VAL B 142 6.92 23.64 16.32
CA VAL B 142 6.06 22.98 17.30
C VAL B 142 6.47 21.52 17.41
N TYR B 143 6.63 21.09 18.65
CA TYR B 143 6.98 19.69 18.99
C TYR B 143 5.79 19.00 19.65
N LEU B 144 5.52 17.74 19.28
CA LEU B 144 4.35 17.02 19.79
C LEU B 144 4.84 15.75 20.47
N PHE B 145 4.53 15.61 21.76
CA PHE B 145 4.94 14.44 22.54
C PHE B 145 3.72 13.82 23.22
N GLY B 146 3.68 12.50 23.32
CA GLY B 146 2.60 11.89 24.10
C GLY B 146 3.18 10.62 24.72
N HIS B 147 2.75 10.28 25.94
CA HIS B 147 3.20 9.01 26.57
C HIS B 147 1.97 8.15 26.84
N SER B 148 2.13 6.84 26.59
CA SER B 148 1.12 5.84 26.89
C SER B 148 -0.18 6.14 26.13
N ALA B 149 -1.34 6.33 26.77
CA ALA B 149 -2.55 6.66 25.97
C ALA B 149 -2.33 7.94 25.13
N GLY B 150 -1.46 8.87 25.59
CA GLY B 150 -1.13 10.07 24.81
C GLY B 150 -0.18 9.72 23.64
N GLY B 151 0.57 8.63 23.73
CA GLY B 151 1.41 8.15 22.61
C GLY B 151 0.48 7.47 21.58
N GLN B 152 -0.58 6.80 22.04
CA GLN B 152 -1.66 6.36 21.16
C GLN B 152 -2.26 7.57 20.40
N PHE B 153 -2.66 8.59 21.16
CA PHE B 153 -3.25 9.81 20.64
C PHE B 153 -2.32 10.37 19.57
N VAL B 154 -1.06 10.57 19.92
CA VAL B 154 -0.14 11.22 18.96
C VAL B 154 0.07 10.45 17.65
N HIS B 155 0.35 9.13 17.70
CA HIS B 155 0.51 8.47 16.37
C HIS B 155 -0.77 8.41 15.55
N ARG B 156 -1.92 8.38 16.23
CA ARG B 156 -3.18 8.34 15.50
C ARG B 156 -3.56 9.70 14.96
N LEU B 157 -3.13 10.73 15.67
CA LEU B 157 -3.17 12.13 15.15
C LEU B 157 -2.36 12.23 13.81
N MSE B 158 -1.15 11.68 13.83
CA MSE B 158 -0.29 11.70 12.64
C MSE B 158 -0.89 10.87 11.53
O MSE B 158 -0.64 11.19 10.36
CB MSE B 158 1.18 11.37 12.96
CG MSE B 158 1.81 12.43 13.93
SE MSE B 158 1.74 14.22 13.26
CE MSE B 158 3.29 14.06 12.08
N SER B 159 -1.69 9.86 11.89
CA SER B 159 -2.34 9.01 10.88
C SER B 159 -3.53 9.66 10.18
N SER B 160 -4.08 10.74 10.76
CA SER B 160 -5.38 11.23 10.33
C SER B 160 -5.43 12.72 10.05
N GLN B 161 -4.42 13.50 10.52
CA GLN B 161 -4.44 14.98 10.50
C GLN B 161 -3.33 15.58 9.64
N PRO B 162 -3.53 16.81 9.06
CA PRO B 162 -2.44 17.47 8.39
C PRO B 162 -1.18 17.63 9.27
N HIS B 163 -0.02 17.42 8.65
CA HIS B 163 1.26 17.53 9.40
C HIS B 163 1.87 18.90 9.43
N ALA B 164 1.32 19.82 8.63
CA ALA B 164 1.90 21.16 8.53
C ALA B 164 2.23 21.86 9.87
N PRO B 165 1.35 21.75 10.91
CA PRO B 165 1.66 22.46 12.17
C PRO B 165 2.86 21.92 12.94
N PHE B 166 3.36 20.71 12.62
CA PHE B 166 4.28 20.00 13.50
C PHE B 166 5.70 19.84 12.95
N HIS B 167 6.67 20.36 13.68
CA HIS B 167 8.09 20.26 13.33
C HIS B 167 8.72 18.90 13.74
N ALA B 168 8.33 18.40 14.90
CA ALA B 168 8.78 17.05 15.39
C ALA B 168 7.73 16.39 16.21
N VAL B 169 7.70 15.04 16.20
CA VAL B 169 6.61 14.30 16.89
C VAL B 169 7.27 13.03 17.44
N THR B 170 6.98 12.77 18.71
CA THR B 170 7.48 11.55 19.42
C THR B 170 6.30 10.90 20.13
N ALA B 171 6.11 9.61 19.84
CA ALA B 171 5.14 8.84 20.60
C ALA B 171 5.91 7.87 21.53
N ALA B 172 5.67 8.02 22.81
CA ALA B 172 6.46 7.33 23.88
C ALA B 172 5.65 6.23 24.55
N ASN B 173 6.14 4.99 24.53
CA ASN B 173 5.42 3.82 25.09
C ASN B 173 3.92 3.74 24.87
N PRO B 174 3.42 3.93 23.62
CA PRO B 174 1.98 3.68 23.43
C PRO B 174 1.58 2.28 23.88
N GLY B 175 0.37 2.09 24.43
CA GLY B 175 -0.02 0.72 24.91
C GLY B 175 -0.28 -0.24 23.74
N TRP B 176 -0.76 0.31 22.64
CA TRP B 176 -0.86 -0.44 21.36
C TRP B 176 -1.03 0.56 20.19
N TYR B 177 -1.05 0.06 18.96
CA TYR B 177 -0.96 0.94 17.80
C TYR B 177 -2.03 0.72 16.74
N THR B 178 -2.41 1.81 16.07
CA THR B 178 -3.08 1.70 14.78
C THR B 178 -2.03 1.33 13.72
N LEU B 179 -2.14 0.14 13.14
CA LEU B 179 -1.18 -0.35 12.18
C LEU B 179 -1.33 0.36 10.85
N PRO B 180 -0.21 0.56 10.15
CA PRO B 180 -0.23 1.35 8.84
C PRO B 180 -0.76 0.47 7.66
N THR B 181 -2.05 0.15 7.73
CA THR B 181 -2.65 -0.77 6.78
C THR B 181 -4.17 -0.59 6.76
N PHE B 182 -4.76 -0.73 5.59
CA PHE B 182 -6.22 -0.72 5.48
C PHE B 182 -6.87 -2.11 5.66
N GLU B 183 -6.06 -3.11 5.98
CA GLU B 183 -6.58 -4.47 6.27
C GLU B 183 -7.52 -4.53 7.47
N HIS B 184 -7.37 -3.60 8.43
CA HIS B 184 -8.15 -3.63 9.64
C HIS B 184 -8.86 -2.31 9.85
N ARG B 185 -10.05 -2.41 10.45
CA ARG B 185 -10.84 -1.24 10.82
C ARG B 185 -10.12 -0.51 11.96
N PHE B 186 -10.16 0.80 11.89
CA PHE B 186 -9.72 1.67 12.97
C PHE B 186 -10.45 1.28 14.29
N PRO B 187 -9.76 1.34 15.45
CA PRO B 187 -8.37 1.79 15.66
C PRO B 187 -7.27 0.72 15.40
N GLU B 188 -7.64 -0.53 15.04
CA GLU B 188 -6.54 -1.50 14.76
C GLU B 188 -5.75 -1.15 13.48
N GLY B 189 -6.46 -0.61 12.50
CA GLY B 189 -5.86 -0.27 11.21
C GLY B 189 -6.50 1.04 10.75
N LEU B 190 -6.42 1.30 9.45
CA LEU B 190 -6.77 2.60 8.89
C LEU B 190 -8.13 2.55 8.22
N ASP B 191 -8.77 1.39 8.17
CA ASP B 191 -10.02 1.28 7.41
C ASP B 191 -11.26 1.75 8.18
N GLY B 192 -12.32 2.13 7.47
CA GLY B 192 -13.63 2.33 8.09
C GLY B 192 -13.86 3.75 8.59
N VAL B 193 -12.92 4.65 8.32
CA VAL B 193 -12.90 5.99 8.94
C VAL B 193 -12.71 7.15 7.97
N GLY B 194 -12.83 6.86 6.68
CA GLY B 194 -12.67 7.87 5.64
C GLY B 194 -11.26 8.34 5.35
N LEU B 195 -10.28 7.53 5.70
CA LEU B 195 -8.86 7.86 5.41
C LEU B 195 -8.44 7.26 4.06
N THR B 196 -7.26 7.66 3.57
CA THR B 196 -6.84 7.38 2.20
C THR B 196 -5.40 6.96 2.11
N GLU B 197 -5.02 6.44 0.94
CA GLU B 197 -3.63 6.08 0.73
C GLU B 197 -2.70 7.28 0.90
N ASP B 198 -3.21 8.47 0.59
CA ASP B 198 -2.44 9.69 0.86
C ASP B 198 -2.12 9.93 2.33
N HIS B 199 -3.09 9.66 3.23
CA HIS B 199 -2.87 9.78 4.66
C HIS B 199 -1.76 8.87 5.03
N LEU B 200 -1.80 7.64 4.51
CA LEU B 200 -0.81 6.62 4.86
C LEU B 200 0.61 7.01 4.34
N ALA B 201 0.69 7.48 3.11
CA ALA B 201 1.97 7.92 2.57
C ALA B 201 2.56 9.06 3.41
N ARG B 202 1.73 10.02 3.78
CA ARG B 202 2.20 11.14 4.57
C ARG B 202 2.66 10.67 5.94
N LEU B 203 1.88 9.75 6.50
CA LEU B 203 2.26 9.17 7.80
C LEU B 203 3.65 8.54 7.72
N LEU B 204 3.82 7.64 6.74
CA LEU B 204 5.06 6.87 6.60
C LEU B 204 6.30 7.72 6.39
N ALA B 205 6.14 8.83 5.69
CA ALA B 205 7.25 9.72 5.34
C ALA B 205 7.72 10.56 6.53
N TYR B 206 6.80 10.87 7.45
CA TYR B 206 7.11 11.81 8.53
C TYR B 206 8.24 11.24 9.42
N PRO B 207 9.21 12.08 9.86
CA PRO B 207 10.31 11.60 10.75
C PRO B 207 9.90 11.40 12.24
N MSE B 208 8.84 10.62 12.44
CA MSE B 208 8.27 10.45 13.76
C MSE B 208 9.17 9.55 14.57
O MSE B 208 9.69 8.55 14.04
CB MSE B 208 6.88 9.76 13.63
CG MSE B 208 6.30 9.46 15.00
SE MSE B 208 4.42 8.88 14.83
CE MSE B 208 3.85 9.93 13.32
N THR B 209 9.41 9.89 15.85
CA THR B 209 10.16 8.98 16.73
C THR B 209 9.20 8.12 17.51
N ILE B 210 9.45 6.81 17.56
CA ILE B 210 8.80 5.92 18.48
C ILE B 210 9.80 5.72 19.61
N LEU B 211 9.46 6.22 20.79
CA LEU B 211 10.36 6.23 21.91
C LEU B 211 9.90 5.14 22.88
N ALA B 212 10.76 4.15 23.10
CA ALA B 212 10.33 2.93 23.80
C ALA B 212 11.29 2.55 24.93
N GLY B 213 10.78 2.52 26.16
CA GLY B 213 11.55 2.05 27.31
C GLY B 213 11.69 0.55 27.27
N ASP B 214 12.93 0.05 27.36
CA ASP B 214 13.14 -1.38 27.25
C ASP B 214 12.80 -2.13 28.55
N GLN B 215 12.37 -1.38 29.57
CA GLN B 215 11.83 -2.04 30.77
C GLN B 215 10.29 -1.99 30.78
N ASP B 216 9.66 -1.57 29.68
CA ASP B 216 8.18 -1.50 29.63
C ASP B 216 7.69 -2.87 29.18
N ILE B 217 7.88 -3.82 30.06
CA ILE B 217 7.77 -5.24 29.75
C ILE B 217 6.85 -6.03 30.66
N ALA B 218 6.08 -5.36 31.51
CA ALA B 218 5.07 -6.09 32.29
C ALA B 218 3.98 -6.63 31.34
N THR B 219 3.46 -7.81 31.64
CA THR B 219 2.46 -8.44 30.77
C THR B 219 1.13 -8.49 31.55
N PRO B 222 -2.82 -4.76 34.39
CA PRO B 222 -4.22 -4.41 34.64
C PRO B 222 -4.53 -3.16 33.84
N ASN B 223 -3.54 -2.29 33.66
CA ASN B 223 -3.68 -1.19 32.71
C ASN B 223 -3.01 -1.43 31.35
N LEU B 224 -2.53 -2.63 31.07
CA LEU B 224 -2.02 -2.92 29.72
C LEU B 224 -3.20 -3.27 28.82
N PRO B 225 -3.28 -2.60 27.64
CA PRO B 225 -4.36 -2.97 26.71
C PRO B 225 -4.29 -4.45 26.42
N SER B 226 -5.41 -5.15 26.61
CA SER B 226 -5.40 -6.59 26.52
C SER B 226 -6.50 -7.14 25.62
N GLU B 227 -7.08 -6.27 24.82
CA GLU B 227 -7.95 -6.72 23.76
C GLU B 227 -7.15 -7.47 22.70
N PRO B 228 -7.82 -8.37 21.98
CA PRO B 228 -7.09 -9.18 20.98
C PRO B 228 -6.23 -8.41 19.99
N ALA B 229 -6.71 -7.27 19.46
CA ALA B 229 -5.89 -6.52 18.56
C ALA B 229 -4.59 -6.06 19.19
N ALA B 230 -4.61 -5.65 20.47
CA ALA B 230 -3.39 -5.27 21.17
C ALA B 230 -2.47 -6.50 21.34
N LEU B 231 -3.06 -7.58 21.77
CA LEU B 231 -2.30 -8.82 22.02
C LEU B 231 -1.62 -9.32 20.71
N ARG B 232 -2.27 -9.10 19.55
CA ARG B 232 -1.64 -9.48 18.27
C ARG B 232 -0.31 -8.73 18.01
N GLN B 233 -0.11 -7.59 18.68
CA GLN B 233 1.07 -6.76 18.43
C GLN B 233 2.22 -7.13 19.36
N GLY B 234 1.95 -8.01 20.32
CA GLY B 234 3.03 -8.48 21.22
C GLY B 234 2.60 -8.50 22.68
N PRO B 235 3.44 -9.10 23.55
CA PRO B 235 3.04 -9.36 24.93
C PRO B 235 3.10 -8.11 25.86
N HIS B 236 3.91 -7.10 25.49
CA HIS B 236 4.09 -5.89 26.28
C HIS B 236 4.38 -4.68 25.41
N ARG B 237 4.43 -3.50 26.04
CA ARG B 237 4.49 -2.29 25.25
C ARG B 237 5.81 -2.20 24.40
N TYR B 238 6.89 -2.64 25.00
CA TYR B 238 8.20 -2.61 24.36
C TYR B 238 8.15 -3.48 23.09
N ALA B 239 7.56 -4.68 23.15
CA ALA B 239 7.43 -5.49 21.91
C ALA B 239 6.55 -4.85 20.85
N ARG B 240 5.46 -4.25 21.28
CA ARG B 240 4.52 -3.57 20.40
C ARG B 240 5.17 -2.43 19.65
N ALA B 241 6.04 -1.66 20.32
CA ALA B 241 6.78 -0.58 19.63
C ALA B 241 7.65 -1.11 18.47
N ARG B 242 8.40 -2.18 18.70
N ARG B 242 8.37 -2.19 18.72
CA ARG B 242 9.19 -2.75 17.59
CA ARG B 242 9.22 -2.78 17.67
C ARG B 242 8.28 -3.28 16.50
C ARG B 242 8.33 -3.35 16.54
N HIS B 243 7.18 -3.94 16.91
CA HIS B 243 6.20 -4.51 15.94
C HIS B 243 5.67 -3.35 15.05
N TYR B 244 5.37 -2.22 15.67
CA TYR B 244 4.87 -1.08 14.91
C TYR B 244 5.89 -0.52 13.92
N TYR B 245 7.09 -0.28 14.41
CA TYR B 245 8.21 0.13 13.56
C TYR B 245 8.39 -0.79 12.37
N GLU B 246 8.48 -2.11 12.62
CA GLU B 246 8.57 -3.08 11.56
C GLU B 246 7.40 -3.00 10.58
N ALA B 247 6.16 -2.82 11.10
CA ALA B 247 5.01 -2.75 10.25
C ALA B 247 5.09 -1.54 9.33
N GLY B 248 5.62 -0.41 9.85
CA GLY B 248 5.80 0.80 9.02
C GLY B 248 6.84 0.59 7.92
N GLN B 249 7.96 -0.03 8.28
CA GLN B 249 9.04 -0.30 7.30
C GLN B 249 8.47 -1.12 6.13
N ARG B 250 7.72 -2.17 6.48
CA ARG B 250 7.09 -3.07 5.53
C ARG B 250 6.04 -2.35 4.65
N ALA B 251 5.14 -1.58 5.28
CA ALA B 251 4.11 -0.82 4.51
C ALA B 251 4.76 0.14 3.51
N ALA B 252 5.83 0.85 3.92
CA ALA B 252 6.55 1.70 2.99
C ALA B 252 7.27 0.91 1.88
N ALA B 253 7.93 -0.20 2.25
CA ALA B 253 8.67 -1.00 1.26
C ALA B 253 7.72 -1.58 0.23
N GLN B 254 6.52 -2.00 0.65
CA GLN B 254 5.64 -2.63 -0.32
C GLN B 254 5.02 -1.65 -1.32
N ARG B 255 5.04 -0.38 -0.95
CA ARG B 255 4.56 0.72 -1.83
C ARG B 255 5.65 1.53 -2.52
N GLY B 256 6.92 1.16 -2.28
CA GLY B 256 8.08 1.88 -2.81
C GLY B 256 8.14 3.30 -2.28
N LEU B 257 7.67 3.55 -1.06
CA LEU B 257 7.53 4.92 -0.51
C LEU B 257 8.65 5.27 0.45
N PRO B 258 8.99 6.56 0.58
CA PRO B 258 10.00 6.90 1.61
C PRO B 258 9.48 6.66 3.04
N PHE B 259 10.37 6.24 3.93
CA PHE B 259 10.05 5.84 5.30
C PHE B 259 10.89 6.67 6.30
N GLY B 260 10.23 7.50 7.11
CA GLY B 260 10.95 8.46 7.96
C GLY B 260 11.06 8.07 9.42
N TRP B 261 10.27 7.07 9.87
CA TRP B 261 10.22 6.79 11.31
C TRP B 261 11.55 6.33 11.87
N GLN B 262 11.73 6.60 13.17
CA GLN B 262 12.87 6.08 13.90
C GLN B 262 12.39 5.45 15.19
N LEU B 263 12.95 4.28 15.47
CA LEU B 263 12.76 3.61 16.72
C LEU B 263 13.92 3.95 17.67
N GLN B 264 13.64 4.66 18.76
CA GLN B 264 14.64 4.96 19.78
C GLN B 264 14.32 4.23 21.07
N VAL B 265 15.13 3.20 21.35
CA VAL B 265 15.00 2.45 22.58
C VAL B 265 15.71 3.20 23.68
N VAL B 266 15.08 3.20 24.84
CA VAL B 266 15.64 3.86 26.02
C VAL B 266 16.03 2.79 27.04
N PRO B 267 17.35 2.60 27.22
CA PRO B 267 17.80 1.47 28.04
C PRO B 267 17.50 1.72 29.53
N GLY B 268 17.01 0.70 30.24
CA GLY B 268 16.77 0.76 31.67
C GLY B 268 15.53 1.51 32.17
N ILE B 269 14.71 2.08 31.28
CA ILE B 269 13.56 2.87 31.71
C ILE B 269 12.33 2.08 31.31
N GLY B 270 11.29 2.10 32.14
CA GLY B 270 10.07 1.35 31.83
C GLY B 270 8.92 2.30 31.55
N HIS B 271 7.77 2.02 32.18
CA HIS B 271 6.56 2.79 31.87
C HIS B 271 6.49 3.99 32.81
N ASP B 272 7.25 5.03 32.49
CA ASP B 272 7.48 6.16 33.41
C ASP B 272 7.43 7.44 32.57
N GLY B 273 6.27 8.11 32.59
CA GLY B 273 5.99 9.27 31.75
C GLY B 273 6.95 10.42 32.04
N GLN B 274 7.34 10.58 33.31
CA GLN B 274 8.23 11.66 33.68
C GLN B 274 9.62 11.42 33.09
N ALA B 275 10.16 10.22 33.26
CA ALA B 275 11.47 9.85 32.73
C ALA B 275 11.43 9.98 31.20
N MSE B 276 10.37 9.50 30.57
CA MSE B 276 10.29 9.53 29.09
C MSE B 276 10.23 10.97 28.56
O MSE B 276 10.79 11.26 27.48
CB MSE B 276 9.09 8.74 28.58
CG MSE B 276 9.24 7.21 28.91
SE MSE B 276 10.76 6.21 28.03
CE MSE B 276 10.04 6.34 26.25
N SER B 277 9.52 11.82 29.32
CA SER B 277 9.41 13.27 28.99
C SER B 277 10.83 13.85 29.06
N GLN B 278 11.60 13.47 30.09
CA GLN B 278 12.91 14.06 30.23
C GLN B 278 13.89 13.55 29.14
N VAL B 279 13.78 12.26 28.80
CA VAL B 279 14.57 11.70 27.72
C VAL B 279 14.22 12.37 26.39
N CYS B 280 12.92 12.56 26.15
CA CYS B 280 12.47 13.20 24.93
C CYS B 280 13.00 14.65 24.81
N ALA B 281 12.96 15.40 25.90
CA ALA B 281 13.52 16.76 25.88
C ALA B 281 15.03 16.77 25.59
N SER B 282 15.76 15.81 26.16
CA SER B 282 17.17 15.64 25.92
C SER B 282 17.46 15.41 24.43
N LEU B 283 16.72 14.47 23.83
CA LEU B 283 16.93 14.13 22.45
C LEU B 283 16.63 15.33 21.55
N TRP B 284 15.55 16.05 21.82
CA TRP B 284 15.13 17.16 20.96
C TRP B 284 15.97 18.42 21.18
N PHE B 285 16.30 18.73 22.42
CA PHE B 285 16.89 20.04 22.71
C PHE B 285 18.33 20.01 23.09
N ASP B 286 18.81 18.87 23.61
CA ASP B 286 20.22 18.70 23.91
C ASP B 286 20.94 17.82 22.87
N GLY B 287 20.20 17.27 21.90
CA GLY B 287 20.78 16.45 20.84
C GLY B 287 21.42 15.18 21.37
N ARG B 288 20.92 14.66 22.48
CA ARG B 288 21.56 13.47 23.04
C ARG B 288 20.65 12.58 23.85
N MSE B 289 20.99 11.30 23.89
CA MSE B 289 20.44 10.38 24.89
C MSE B 289 21.21 10.62 26.20
O MSE B 289 22.44 10.75 26.19
CB MSE B 289 20.63 8.95 24.39
CG MSE B 289 20.21 7.87 25.36
SE MSE B 289 18.20 7.73 25.49
CE MSE B 289 17.82 8.26 23.77
N PRO B 290 20.49 10.72 27.35
CA PRO B 290 21.27 10.86 28.59
C PRO B 290 22.20 9.65 28.86
N ASP B 291 23.23 9.89 29.68
CA ASP B 291 24.16 8.88 30.23
C ASP B 291 23.44 7.72 30.85
N ALA B 292 24.12 6.57 30.96
CA ALA B 292 23.64 5.47 31.77
C ALA B 292 23.37 5.98 33.18
N ALA B 293 24.33 6.70 33.75
CA ALA B 293 24.18 7.29 35.08
C ALA B 293 22.97 8.22 35.22
N GLU B 294 22.80 9.12 34.24
CA GLU B 294 21.70 10.06 34.20
C GLU B 294 20.37 9.28 34.13
N LEU B 295 20.34 8.24 33.29
CA LEU B 295 19.17 7.38 33.12
C LEU B 295 18.83 6.64 34.40
N ALA B 296 19.85 6.02 35.01
CA ALA B 296 19.68 5.40 36.34
C ALA B 296 19.00 6.34 37.33
N ARG B 297 19.39 7.62 37.32
CA ARG B 297 18.76 8.65 38.14
C ARG B 297 17.29 8.86 37.84
N LEU B 298 16.95 9.02 36.55
CA LEU B 298 15.54 9.22 36.12
C LEU B 298 14.66 8.01 36.44
N ALA B 299 15.26 6.82 36.45
CA ALA B 299 14.56 5.57 36.76
C ALA B 299 14.03 5.57 38.21
CL CL C . 4.12 0.97 -35.97
CL CL D . 17.24 -14.67 -3.96
S SO4 E . 7.26 -22.06 -17.12
O1 SO4 E . 6.32 -20.94 -17.02
O2 SO4 E . 8.56 -21.55 -16.67
O3 SO4 E . 6.93 -23.20 -16.31
O4 SO4 E . 7.54 -22.45 -18.49
S SO4 F . 22.39 1.93 -20.03
O1 SO4 F . 21.43 1.48 -19.02
O2 SO4 F . 23.02 3.15 -19.52
O3 SO4 F . 23.39 0.90 -20.21
O4 SO4 F . 21.77 2.24 -21.32
S SO4 G . 4.52 -25.32 -22.45
O1 SO4 G . 3.34 -25.78 -21.74
O2 SO4 G . 5.54 -24.98 -21.48
O3 SO4 G . 5.00 -26.37 -23.33
O4 SO4 G . 4.14 -24.16 -23.26
S SO4 H . -11.89 -15.94 -47.35
O1 SO4 H . -13.21 -16.57 -47.50
O2 SO4 H . -11.76 -15.54 -45.94
O3 SO4 H . -10.74 -16.74 -47.80
O4 SO4 H . -11.87 -14.73 -48.20
S SO4 I . 16.59 -19.63 -19.80
O1 SO4 I . 16.23 -20.28 -18.54
O2 SO4 I . 16.55 -18.18 -19.65
O3 SO4 I . 17.93 -20.11 -20.18
O4 SO4 I . 15.63 -20.06 -20.84
S SO4 J . -20.17 -33.10 -15.18
O1 SO4 J . -20.39 -33.49 -13.79
O2 SO4 J . -19.45 -31.84 -15.19
O3 SO4 J . -19.38 -34.14 -15.84
O4 SO4 J . -21.46 -32.96 -15.87
C FMT K . 6.48 -23.47 -34.05
O1 FMT K . 5.71 -24.26 -33.41
O2 FMT K . 6.49 -22.16 -34.03
CL CL L . -22.50 11.47 16.94
S SO4 M . -1.82 2.66 27.65
O1 SO4 M . -2.18 3.59 28.70
O2 SO4 M . -3.14 2.09 27.34
O3 SO4 M . -1.06 1.49 28.06
O4 SO4 M . -1.38 3.32 26.38
S SO4 N . 0.88 6.76 32.29
O1 SO4 N . 0.52 6.77 33.70
O2 SO4 N . 2.26 6.36 32.18
O3 SO4 N . -0.01 5.85 31.57
O4 SO4 N . 0.72 8.15 31.84
S SO4 O . 9.49 37.55 31.15
O1 SO4 O . 8.39 36.72 31.65
O2 SO4 O . 9.54 38.78 31.93
O3 SO4 O . 10.78 36.88 31.27
O4 SO4 O . 9.29 37.86 29.74
S SO4 P . -13.02 13.75 36.53
O1 SO4 P . -14.00 14.53 37.31
O2 SO4 P . -11.66 14.27 36.71
O3 SO4 P . -13.11 12.32 36.92
O4 SO4 P . -13.28 13.81 35.12
S SO4 Q . -13.87 4.10 4.37
O1 SO4 Q . -14.89 4.73 5.21
O2 SO4 Q . -12.65 4.89 4.48
O3 SO4 Q . -13.63 2.70 4.78
O4 SO4 Q . -14.28 4.09 2.96
S SO4 R . -11.72 2.24 28.77
O1 SO4 R . -12.41 1.65 29.90
O2 SO4 R . -10.80 3.27 29.28
O3 SO4 R . -10.96 1.16 28.14
O4 SO4 R . -12.65 2.81 27.77
C FMT S . -3.95 16.66 36.50
O1 FMT S . -2.76 16.22 36.82
O2 FMT S . -4.38 17.38 35.47
C FMT T . -21.72 17.60 20.24
O1 FMT T . -21.49 16.40 20.46
O2 FMT T . -20.90 18.51 20.44
#